data_3ZIQ
#
_entry.id   3ZIQ
#
_cell.length_a   79.340
_cell.length_b   90.290
_cell.length_c   100.450
_cell.angle_alpha   90.00
_cell.angle_beta   90.00
_cell.angle_gamma   90.00
#
_symmetry.space_group_name_H-M   'P 21 21 21'
#
loop_
_entity.id
_entity.type
_entity.pdbx_description
1 polymer 'IMPORTIN SUBUNIT ALPHA-2'
2 polymer B6NLS
3 water water
#
loop_
_entity_poly.entity_id
_entity_poly.type
_entity_poly.pdbx_seq_one_letter_code
_entity_poly.pdbx_strand_id
1 'polypeptide(L)'
;SGMKETAAAKFERQHMDSPDLGTDDDDKAMADIGSGTVNWSVEDIVKGINSNNLESQLQATQAARKLLSREKQPPIDNII
RAGLIPKFVSFLGKTDCSPIQFESAWALTNIASGTSEQTKAVVDGGAIPAFISLLASPHAHISEQAVWALGNIAGDGSAF
RDLVIKHGAIDPLLALLAVPDLSTLACGYLRNLTWTLSNLCRNKNPAPPLDAVEQILPTLVRLLHHNDPEVLADSCWAIS
YLTDGPNERIEMVVKKGVVPQLVKLLGATELPIVTPALRAIGNIVTGTDEQTQKVIDAGALAVFPSLLTNPKTNIQKEAT
WTMSNITAGRQDQIQQVVNHGLVPFLVGVLSKADFKTQKEAAWAITNYTSGGTVEQIVYLVHCGIIEPLMNLLSAKDTKI
IQVILDAISNIFQAAEKLGETEKLSIMIEECGGLDKIEALQRHENESVYKASLNLIEKYFS
;
A
2 'polypeptide(L)' SSHRKRKFSDAF B,C
#
# COMPACT_ATOMS: atom_id res chain seq x y z
N GLY A 36 19.12 18.07 34.95
CA GLY A 36 17.93 18.28 35.76
C GLY A 36 16.94 17.13 35.67
N THR A 37 16.38 16.91 34.47
CA THR A 37 15.40 15.83 34.23
C THR A 37 16.02 14.70 33.36
N VAL A 38 17.36 14.72 33.18
CA VAL A 38 18.09 13.74 32.38
C VAL A 38 18.53 12.54 33.27
N ASN A 39 18.31 11.31 32.74
CA ASN A 39 18.68 10.00 33.29
C ASN A 39 18.10 9.73 34.70
N TRP A 40 16.80 10.01 34.91
CA TRP A 40 16.14 9.70 36.18
C TRP A 40 15.80 8.22 36.22
N SER A 41 15.81 7.62 37.41
CA SER A 41 15.34 6.24 37.60
C SER A 41 13.82 6.25 37.60
N VAL A 42 13.16 5.10 37.32
CA VAL A 42 11.71 4.97 37.30
C VAL A 42 11.16 5.26 38.72
N GLU A 43 11.87 4.82 39.75
CA GLU A 43 11.55 5.02 41.18
C GLU A 43 11.46 6.53 41.51
N ASP A 44 12.40 7.34 41.02
CA ASP A 44 12.40 8.79 41.22
C ASP A 44 11.23 9.45 40.49
N ILE A 45 10.92 8.96 39.27
CA ILE A 45 9.80 9.47 38.46
C ILE A 45 8.49 9.22 39.23
N VAL A 46 8.31 8.00 39.76
CA VAL A 46 7.12 7.61 40.53
C VAL A 46 7.00 8.51 41.78
N LYS A 47 8.11 8.73 42.50
CA LYS A 47 8.12 9.56 43.70
C LYS A 47 7.68 11.02 43.38
N GLY A 48 8.16 11.57 42.28
CA GLY A 48 7.80 12.91 41.83
C GLY A 48 6.34 13.02 41.43
N ILE A 49 5.85 12.04 40.66
CA ILE A 49 4.48 11.99 40.17
C ILE A 49 3.47 11.75 41.31
N ASN A 50 3.87 10.99 42.36
CA ASN A 50 3.00 10.71 43.51
C ASN A 50 3.02 11.82 44.56
N SER A 51 3.90 12.85 44.40
CA SER A 51 3.93 13.97 45.33
C SER A 51 2.64 14.78 45.17
N ASN A 52 2.28 15.57 46.17
CA ASN A 52 1.05 16.36 46.01
C ASN A 52 1.43 17.77 45.52
N ASN A 53 2.47 17.86 44.65
CA ASN A 53 3.04 19.12 44.16
C ASN A 53 3.09 19.09 42.65
N LEU A 54 2.28 19.96 42.00
CA LEU A 54 2.16 20.05 40.55
C LEU A 54 3.51 20.25 39.83
N GLU A 55 4.39 21.11 40.37
CA GLU A 55 5.73 21.34 39.79
C GLU A 55 6.62 20.11 39.92
N SER A 56 6.57 19.40 41.06
CA SER A 56 7.34 18.16 41.23
C SER A 56 6.84 17.12 40.24
N GLN A 57 5.50 17.09 40.02
CA GLN A 57 4.86 16.16 39.07
C GLN A 57 5.27 16.52 37.64
N LEU A 58 5.36 17.81 37.32
CA LEU A 58 5.77 18.28 36.00
C LEU A 58 7.23 17.85 35.72
N GLN A 59 8.16 18.12 36.66
CA GLN A 59 9.57 17.76 36.54
C GLN A 59 9.73 16.25 36.35
N ALA A 60 8.97 15.45 37.11
CA ALA A 60 9.01 14.00 37.02
C ALA A 60 8.42 13.48 35.69
N THR A 61 7.38 14.17 35.15
CA THR A 61 6.75 13.78 33.88
C THR A 61 7.73 14.06 32.72
N GLN A 62 8.40 15.23 32.76
CA GLN A 62 9.41 15.58 31.76
C GLN A 62 10.55 14.54 31.78
N ALA A 63 10.98 14.13 33.00
CA ALA A 63 12.02 13.11 33.19
C ALA A 63 11.59 11.77 32.56
N ALA A 64 10.30 11.39 32.70
CA ALA A 64 9.73 10.17 32.10
C ALA A 64 9.72 10.31 30.56
N ARG A 65 9.34 11.50 30.04
CA ARG A 65 9.33 11.78 28.61
C ARG A 65 10.74 11.59 28.03
N LYS A 66 11.77 12.13 28.72
CA LYS A 66 13.17 12.03 28.26
C LYS A 66 13.64 10.57 28.28
N LEU A 67 13.25 9.80 29.31
CA LEU A 67 13.57 8.36 29.41
C LEU A 67 12.91 7.59 28.25
N LEU A 68 11.65 7.91 27.96
CA LEU A 68 10.86 7.25 26.92
C LEU A 68 11.30 7.67 25.50
N SER A 69 12.07 8.78 25.38
CA SER A 69 12.58 9.35 24.13
C SER A 69 13.98 8.87 23.73
N ARG A 70 14.69 8.14 24.62
CA ARG A 70 16.06 7.67 24.34
C ARG A 70 16.06 6.63 23.20
N GLU A 71 17.09 6.71 22.34
CA GLU A 71 17.26 5.86 21.16
C GLU A 71 17.35 4.36 21.49
N LYS A 72 18.22 3.99 22.46
CA LYS A 72 18.43 2.59 22.81
C LYS A 72 17.58 2.13 24.01
N GLN A 73 16.72 1.12 23.73
CA GLN A 73 15.83 0.41 24.65
C GLN A 73 15.10 1.31 25.68
N PRO A 74 14.16 2.21 25.28
CA PRO A 74 13.43 3.00 26.29
C PRO A 74 12.66 2.09 27.25
N PRO A 75 12.66 2.35 28.58
CA PRO A 75 12.00 1.40 29.51
C PRO A 75 10.48 1.58 29.54
N ILE A 76 9.80 1.27 28.42
CA ILE A 76 8.35 1.41 28.27
C ILE A 76 7.62 0.47 29.25
N ASP A 77 7.99 -0.82 29.28
CA ASP A 77 7.35 -1.82 30.14
C ASP A 77 7.51 -1.47 31.62
N ASN A 78 8.68 -0.93 32.01
CA ASN A 78 8.98 -0.49 33.39
C ASN A 78 8.05 0.67 33.79
N ILE A 79 7.83 1.63 32.88
CA ILE A 79 6.94 2.76 33.10
C ILE A 79 5.48 2.26 33.23
N ILE A 80 5.05 1.32 32.35
CA ILE A 80 3.69 0.73 32.42
C ILE A 80 3.50 0.00 33.77
N ARG A 81 4.45 -0.90 34.13
CA ARG A 81 4.44 -1.68 35.37
C ARG A 81 4.39 -0.80 36.64
N ALA A 82 4.99 0.42 36.59
CA ALA A 82 4.99 1.37 37.72
C ALA A 82 3.60 2.07 37.89
N GLY A 83 2.63 1.75 37.02
CA GLY A 83 1.28 2.30 37.06
C GLY A 83 1.20 3.77 36.66
N LEU A 84 2.12 4.22 35.80
CA LEU A 84 2.20 5.63 35.43
C LEU A 84 1.23 6.09 34.31
N ILE A 85 0.70 5.17 33.47
CA ILE A 85 -0.23 5.56 32.38
C ILE A 85 -1.49 6.29 32.95
N PRO A 86 -2.21 5.81 34.01
CA PRO A 86 -3.37 6.57 34.52
C PRO A 86 -3.03 8.00 34.99
N LYS A 87 -1.81 8.19 35.54
CA LYS A 87 -1.31 9.49 36.01
C LYS A 87 -1.10 10.43 34.82
N PHE A 88 -0.41 9.94 33.76
CA PHE A 88 -0.19 10.72 32.53
C PHE A 88 -1.52 11.14 31.88
N VAL A 89 -2.49 10.21 31.81
CA VAL A 89 -3.83 10.47 31.23
C VAL A 89 -4.54 11.58 32.04
N SER A 90 -4.45 11.57 33.40
CA SER A 90 -5.10 12.65 34.18
C SER A 90 -4.40 13.99 33.93
N PHE A 91 -3.07 13.97 33.73
CA PHE A 91 -2.26 15.18 33.45
C PHE A 91 -2.65 15.81 32.09
N LEU A 92 -3.21 15.00 31.16
CA LEU A 92 -3.71 15.49 29.86
C LEU A 92 -4.88 16.49 30.05
N GLY A 93 -5.65 16.31 31.13
CA GLY A 93 -6.79 17.17 31.45
C GLY A 93 -6.47 18.44 32.22
N LYS A 94 -5.18 18.67 32.56
CA LYS A 94 -4.77 19.84 33.34
C LYS A 94 -4.57 21.09 32.43
N THR A 95 -5.70 21.68 32.00
CA THR A 95 -5.79 22.88 31.15
C THR A 95 -4.99 24.05 31.77
N ASP A 96 -4.96 24.12 33.11
CA ASP A 96 -4.28 25.13 33.91
C ASP A 96 -2.73 25.01 33.81
N CYS A 97 -2.20 23.84 33.46
CA CYS A 97 -0.76 23.59 33.34
C CYS A 97 -0.46 22.98 31.95
N SER A 98 -0.31 23.84 30.92
CA SER A 98 -0.03 23.38 29.55
C SER A 98 1.33 22.59 29.45
N PRO A 99 2.44 22.92 30.19
CA PRO A 99 3.65 22.08 30.09
C PRO A 99 3.45 20.63 30.53
N ILE A 100 2.62 20.37 31.57
CA ILE A 100 2.40 18.98 32.02
C ILE A 100 1.51 18.24 30.99
N GLN A 101 0.63 18.98 30.26
CA GLN A 101 -0.21 18.37 29.21
C GLN A 101 0.69 17.90 28.09
N PHE A 102 1.66 18.75 27.68
CA PHE A 102 2.61 18.45 26.61
C PHE A 102 3.53 17.28 26.99
N GLU A 103 4.15 17.34 28.19
CA GLU A 103 5.05 16.28 28.68
C GLU A 103 4.35 14.92 28.82
N SER A 104 3.10 14.92 29.32
CA SER A 104 2.36 13.67 29.47
C SER A 104 1.89 13.16 28.11
N ALA A 105 1.52 14.06 27.18
CA ALA A 105 1.12 13.67 25.83
C ALA A 105 2.29 13.00 25.09
N TRP A 106 3.50 13.61 25.18
CA TRP A 106 4.72 13.10 24.56
C TRP A 106 5.10 11.72 25.17
N ALA A 107 5.07 11.60 26.51
CA ALA A 107 5.38 10.34 27.20
C ALA A 107 4.43 9.23 26.72
N LEU A 108 3.11 9.53 26.63
CA LEU A 108 2.10 8.57 26.19
C LEU A 108 2.22 8.23 24.70
N THR A 109 2.65 9.21 23.85
CA THR A 109 2.85 8.99 22.41
C THR A 109 3.96 7.94 22.22
N ASN A 110 5.02 8.02 23.05
CA ASN A 110 6.16 7.10 23.02
C ASN A 110 5.75 5.70 23.42
N ILE A 111 4.85 5.57 24.41
CA ILE A 111 4.34 4.25 24.84
C ILE A 111 3.44 3.67 23.73
N ALA A 112 2.50 4.50 23.19
CA ALA A 112 1.53 4.12 22.13
C ALA A 112 2.22 3.74 20.81
N SER A 113 3.45 4.24 20.59
CA SER A 113 4.26 3.94 19.40
C SER A 113 4.92 2.55 19.47
N GLY A 114 4.83 1.89 20.63
CA GLY A 114 5.44 0.57 20.85
C GLY A 114 4.66 -0.59 20.28
N THR A 115 4.64 -1.71 21.02
CA THR A 115 3.92 -2.92 20.62
C THR A 115 2.41 -2.73 20.80
N SER A 116 1.62 -3.67 20.30
CA SER A 116 0.15 -3.67 20.43
C SER A 116 -0.27 -3.68 21.88
N GLU A 117 0.45 -4.46 22.72
CA GLU A 117 0.21 -4.54 24.16
C GLU A 117 0.47 -3.18 24.84
N GLN A 118 1.49 -2.46 24.36
CA GLN A 118 1.87 -1.14 24.88
C GLN A 118 0.84 -0.08 24.43
N THR A 119 0.35 -0.18 23.18
CA THR A 119 -0.70 0.72 22.67
C THR A 119 -2.00 0.46 23.44
N LYS A 120 -2.31 -0.83 23.73
CA LYS A 120 -3.50 -1.24 24.49
C LYS A 120 -3.46 -0.64 25.90
N ALA A 121 -2.28 -0.63 26.54
CA ALA A 121 -2.13 -0.06 27.89
C ALA A 121 -2.51 1.45 27.89
N VAL A 122 -2.15 2.18 26.82
CA VAL A 122 -2.48 3.60 26.66
C VAL A 122 -4.01 3.74 26.51
N VAL A 123 -4.62 2.94 25.61
CA VAL A 123 -6.07 2.92 25.37
C VAL A 123 -6.81 2.52 26.68
N ASP A 124 -6.34 1.47 27.39
CA ASP A 124 -6.97 1.01 28.63
C ASP A 124 -6.89 2.05 29.74
N GLY A 125 -5.94 2.98 29.66
CA GLY A 125 -5.81 4.08 30.61
C GLY A 125 -6.78 5.22 30.36
N GLY A 126 -7.59 5.11 29.30
CA GLY A 126 -8.58 6.12 28.92
C GLY A 126 -8.02 7.27 28.09
N ALA A 127 -6.87 7.07 27.44
CA ALA A 127 -6.20 8.13 26.68
C ALA A 127 -6.95 8.63 25.43
N ILE A 128 -7.76 7.79 24.74
CA ILE A 128 -8.43 8.20 23.50
C ILE A 128 -9.29 9.47 23.70
N PRO A 129 -10.33 9.53 24.59
CA PRO A 129 -11.10 10.78 24.72
C PRO A 129 -10.26 11.98 25.18
N ALA A 130 -9.24 11.73 26.03
CA ALA A 130 -8.35 12.78 26.55
C ALA A 130 -7.51 13.41 25.44
N PHE A 131 -7.04 12.61 24.47
CA PHE A 131 -6.28 13.12 23.32
C PHE A 131 -7.19 13.87 22.35
N ILE A 132 -8.43 13.38 22.18
CA ILE A 132 -9.39 14.03 21.27
C ILE A 132 -9.72 15.43 21.81
N SER A 133 -9.87 15.59 23.15
CA SER A 133 -10.11 16.89 23.80
C SER A 133 -8.93 17.84 23.59
N LEU A 134 -7.70 17.30 23.48
CA LEU A 134 -6.50 18.11 23.27
C LEU A 134 -6.31 18.58 21.82
N LEU A 135 -7.09 18.04 20.86
CA LEU A 135 -7.00 18.47 19.45
C LEU A 135 -7.39 19.95 19.28
N ALA A 136 -8.31 20.45 20.14
CA ALA A 136 -8.78 21.85 20.12
C ALA A 136 -7.91 22.76 21.03
N SER A 137 -6.75 22.28 21.52
CA SER A 137 -5.87 23.06 22.39
C SER A 137 -5.39 24.35 21.70
N PRO A 138 -5.29 25.50 22.42
CA PRO A 138 -4.77 26.71 21.77
C PRO A 138 -3.26 26.62 21.52
N HIS A 139 -2.59 25.59 22.12
CA HIS A 139 -1.14 25.40 21.98
C HIS A 139 -0.89 24.41 20.86
N ALA A 140 -0.29 24.89 19.75
CA ALA A 140 -0.03 24.09 18.54
C ALA A 140 0.82 22.84 18.82
N HIS A 141 1.85 22.94 19.69
CA HIS A 141 2.72 21.79 20.00
C HIS A 141 1.96 20.71 20.79
N ILE A 142 0.91 21.08 21.57
CA ILE A 142 0.10 20.12 22.34
C ILE A 142 -0.87 19.42 21.38
N SER A 143 -1.59 20.20 20.55
CA SER A 143 -2.54 19.71 19.54
C SER A 143 -1.83 18.70 18.60
N GLU A 144 -0.59 19.03 18.16
CA GLU A 144 0.22 18.17 17.30
C GLU A 144 0.55 16.84 18.01
N GLN A 145 0.88 16.92 19.30
CA GLN A 145 1.20 15.75 20.10
C GLN A 145 0.00 14.80 20.19
N ALA A 146 -1.22 15.37 20.34
CA ALA A 146 -2.49 14.62 20.38
C ALA A 146 -2.77 13.98 19.02
N VAL A 147 -2.50 14.71 17.91
CA VAL A 147 -2.64 14.18 16.54
C VAL A 147 -1.74 12.94 16.41
N TRP A 148 -0.46 13.08 16.81
CA TRP A 148 0.58 12.05 16.77
C TRP A 148 0.16 10.80 17.55
N ALA A 149 -0.34 11.00 18.78
CA ALA A 149 -0.77 9.91 19.65
C ALA A 149 -1.94 9.12 19.06
N LEU A 150 -2.95 9.83 18.50
CA LEU A 150 -4.13 9.21 17.92
C LEU A 150 -3.78 8.41 16.64
N GLY A 151 -2.79 8.89 15.88
CA GLY A 151 -2.30 8.18 14.68
C GLY A 151 -1.68 6.84 15.06
N ASN A 152 -0.90 6.82 16.15
CA ASN A 152 -0.28 5.61 16.71
C ASN A 152 -1.33 4.63 17.20
N ILE A 153 -2.37 5.13 17.93
CA ILE A 153 -3.46 4.31 18.44
C ILE A 153 -4.25 3.73 17.25
N ALA A 154 -4.71 4.59 16.31
CA ALA A 154 -5.47 4.15 15.14
C ALA A 154 -4.64 3.18 14.26
N GLY A 155 -3.33 3.41 14.19
CA GLY A 155 -2.40 2.59 13.41
C GLY A 155 -2.19 1.17 13.91
N ASP A 156 -2.59 0.88 15.16
CA ASP A 156 -2.42 -0.46 15.73
C ASP A 156 -3.21 -1.54 14.96
N GLY A 157 -4.38 -1.18 14.46
CA GLY A 157 -5.23 -2.12 13.73
C GLY A 157 -6.66 -1.62 13.64
N SER A 158 -7.51 -2.44 13.02
CA SER A 158 -8.90 -2.16 12.72
C SER A 158 -9.73 -1.78 13.93
N ALA A 159 -9.61 -2.53 15.06
CA ALA A 159 -10.41 -2.31 16.27
C ALA A 159 -10.11 -0.94 16.91
N PHE A 160 -8.81 -0.62 17.10
CA PHE A 160 -8.43 0.66 17.67
C PHE A 160 -8.72 1.82 16.70
N ARG A 161 -8.58 1.61 15.38
CA ARG A 161 -8.91 2.61 14.38
C ARG A 161 -10.40 2.98 14.52
N ASP A 162 -11.27 1.94 14.57
CA ASP A 162 -12.71 2.14 14.66
C ASP A 162 -13.12 2.71 16.01
N LEU A 163 -12.37 2.40 17.08
CA LEU A 163 -12.64 2.94 18.42
C LEU A 163 -12.30 4.45 18.48
N VAL A 164 -11.20 4.86 17.84
CA VAL A 164 -10.79 6.26 17.73
C VAL A 164 -11.89 7.08 16.98
N ILE A 165 -12.45 6.48 15.89
CA ILE A 165 -13.51 7.05 15.07
C ILE A 165 -14.81 7.20 15.90
N LYS A 166 -15.16 6.17 16.72
CA LYS A 166 -16.37 6.19 17.58
C LYS A 166 -16.25 7.27 18.67
N HIS A 167 -15.03 7.54 19.13
CA HIS A 167 -14.83 8.59 20.14
C HIS A 167 -14.89 10.00 19.51
N GLY A 168 -15.10 10.08 18.20
CA GLY A 168 -15.27 11.31 17.44
C GLY A 168 -14.02 12.07 17.03
N ALA A 169 -12.92 11.36 16.73
CA ALA A 169 -11.69 12.05 16.33
C ALA A 169 -11.75 12.75 14.98
N ILE A 170 -12.54 12.26 14.02
CA ILE A 170 -12.52 12.76 12.64
C ILE A 170 -12.89 14.25 12.53
N ASP A 171 -14.02 14.71 13.10
CA ASP A 171 -14.42 16.13 13.04
C ASP A 171 -13.29 17.09 13.54
N PRO A 172 -12.72 16.98 14.79
CA PRO A 172 -11.66 17.92 15.19
C PRO A 172 -10.35 17.76 14.40
N LEU A 173 -10.07 16.55 13.85
CA LEU A 173 -8.86 16.37 13.04
C LEU A 173 -9.00 17.14 11.72
N LEU A 174 -10.17 17.03 11.07
CA LEU A 174 -10.47 17.71 9.80
C LEU A 174 -10.54 19.22 9.98
N ALA A 175 -11.07 19.70 11.15
CA ALA A 175 -11.18 21.11 11.48
C ALA A 175 -9.80 21.79 11.51
N LEU A 176 -8.73 21.03 11.89
CA LEU A 176 -7.34 21.52 11.94
C LEU A 176 -6.81 21.79 10.53
N LEU A 177 -7.39 21.13 9.51
CA LEU A 177 -6.99 21.30 8.12
C LEU A 177 -7.95 22.22 7.35
N ALA A 178 -9.01 22.75 8.01
CA ALA A 178 -9.99 23.62 7.35
C ALA A 178 -9.47 25.06 7.31
N VAL A 179 -8.47 25.27 6.44
CA VAL A 179 -7.79 26.55 6.21
C VAL A 179 -7.86 26.88 4.70
N PRO A 180 -7.84 28.16 4.28
CA PRO A 180 -7.90 28.46 2.83
C PRO A 180 -6.72 27.89 2.04
N ASP A 181 -5.52 27.89 2.63
CA ASP A 181 -4.31 27.38 1.96
C ASP A 181 -3.46 26.58 2.93
N LEU A 182 -3.25 25.27 2.62
CA LEU A 182 -2.45 24.33 3.42
C LEU A 182 -1.01 24.83 3.66
N SER A 183 -0.49 25.70 2.78
CA SER A 183 0.86 26.26 2.85
C SER A 183 1.09 27.14 4.09
N THR A 184 0.03 27.67 4.73
CA THR A 184 0.15 28.53 5.93
C THR A 184 0.42 27.67 7.18
N LEU A 185 0.12 26.37 7.13
CA LEU A 185 0.33 25.49 8.28
C LEU A 185 1.80 25.12 8.42
N ALA A 186 2.25 24.87 9.67
CA ALA A 186 3.64 24.42 9.91
C ALA A 186 3.82 23.05 9.23
N CYS A 187 4.97 22.88 8.57
CA CYS A 187 5.34 21.71 7.77
C CYS A 187 5.17 20.38 8.53
N GLY A 188 5.79 20.27 9.71
CA GLY A 188 5.72 19.07 10.55
C GLY A 188 4.31 18.77 11.05
N TYR A 189 3.55 19.83 11.37
CA TYR A 189 2.16 19.76 11.84
C TYR A 189 1.25 19.15 10.73
N LEU A 190 1.41 19.63 9.48
CA LEU A 190 0.68 19.15 8.31
C LEU A 190 1.03 17.67 8.01
N ARG A 191 2.32 17.32 8.10
CA ARG A 191 2.83 15.96 7.89
C ARG A 191 2.23 15.00 8.91
N ASN A 192 2.17 15.40 10.19
CA ASN A 192 1.58 14.59 11.25
C ASN A 192 0.07 14.39 11.05
N LEU A 193 -0.65 15.45 10.63
CA LEU A 193 -2.10 15.36 10.38
C LEU A 193 -2.39 14.41 9.21
N THR A 194 -1.59 14.51 8.12
CA THR A 194 -1.73 13.65 6.94
C THR A 194 -1.49 12.18 7.33
N TRP A 195 -0.39 11.92 8.06
CA TRP A 195 -0.03 10.59 8.51
C TRP A 195 -1.13 9.99 9.39
N THR A 196 -1.65 10.75 10.37
CA THR A 196 -2.72 10.25 11.25
C THR A 196 -3.99 9.92 10.40
N LEU A 197 -4.38 10.79 9.44
CA LEU A 197 -5.53 10.53 8.57
C LEU A 197 -5.33 9.26 7.73
N SER A 198 -4.08 9.01 7.25
CA SER A 198 -3.75 7.82 6.47
C SER A 198 -3.94 6.55 7.30
N ASN A 199 -3.73 6.63 8.64
CA ASN A 199 -3.92 5.49 9.55
C ASN A 199 -5.41 5.23 9.79
N LEU A 200 -6.26 6.29 9.69
CA LEU A 200 -7.71 6.11 9.81
C LEU A 200 -8.28 5.48 8.54
N CYS A 201 -7.50 5.46 7.44
CA CYS A 201 -7.85 4.87 6.15
C CYS A 201 -7.29 3.45 6.02
N ARG A 202 -6.32 3.10 6.87
CA ARG A 202 -5.59 1.84 6.82
C ARG A 202 -6.31 0.66 7.49
N ASN A 203 -5.88 -0.57 7.11
CA ASN A 203 -6.27 -1.88 7.63
C ASN A 203 -7.62 -2.35 7.09
N LYS A 204 -7.78 -3.66 7.15
CA LYS A 204 -8.94 -4.38 6.61
C LYS A 204 -9.47 -5.36 7.64
N ASN A 205 -10.48 -6.15 7.27
CA ASN A 205 -11.14 -7.14 8.14
C ASN A 205 -11.54 -6.53 9.51
N PRO A 206 -12.41 -5.49 9.55
CA PRO A 206 -13.07 -4.83 8.42
C PRO A 206 -12.30 -3.60 7.90
N ALA A 207 -12.66 -3.15 6.71
CA ALA A 207 -12.13 -1.92 6.13
C ALA A 207 -12.75 -0.72 6.91
N PRO A 208 -12.22 0.53 6.85
CA PRO A 208 -12.83 1.61 7.65
C PRO A 208 -14.32 1.82 7.35
N PRO A 209 -15.11 2.36 8.31
CA PRO A 209 -16.55 2.56 8.05
C PRO A 209 -16.76 3.48 6.86
N LEU A 210 -17.75 3.12 6.01
CA LEU A 210 -18.06 3.85 4.77
C LEU A 210 -18.27 5.34 4.98
N ASP A 211 -19.02 5.74 6.02
CA ASP A 211 -19.30 7.16 6.31
C ASP A 211 -18.02 7.90 6.77
N ALA A 212 -17.10 7.20 7.46
CA ALA A 212 -15.82 7.79 7.89
C ALA A 212 -14.94 8.09 6.67
N VAL A 213 -14.94 7.17 5.68
CA VAL A 213 -14.19 7.31 4.42
C VAL A 213 -14.77 8.49 3.64
N GLU A 214 -16.11 8.57 3.53
CA GLU A 214 -16.76 9.68 2.81
C GLU A 214 -16.42 11.03 3.46
N GLN A 215 -16.38 11.08 4.80
CA GLN A 215 -16.08 12.30 5.57
C GLN A 215 -14.62 12.76 5.37
N ILE A 216 -13.67 11.82 5.35
CA ILE A 216 -12.24 12.11 5.18
C ILE A 216 -11.87 12.46 3.71
N LEU A 217 -12.44 11.75 2.70
CA LEU A 217 -12.07 11.89 1.29
C LEU A 217 -11.91 13.35 0.77
N PRO A 218 -12.80 14.35 0.99
CA PRO A 218 -12.53 15.71 0.44
C PRO A 218 -11.21 16.34 0.91
N THR A 219 -10.83 16.14 2.19
CA THR A 219 -9.58 16.65 2.76
C THR A 219 -8.40 15.88 2.15
N LEU A 220 -8.54 14.55 2.00
CA LEU A 220 -7.52 13.71 1.39
C LEU A 220 -7.20 14.15 -0.05
N VAL A 221 -8.25 14.45 -0.86
CA VAL A 221 -8.09 14.91 -2.25
C VAL A 221 -7.27 16.21 -2.26
N ARG A 222 -7.55 17.12 -1.30
CA ARG A 222 -6.87 18.39 -1.14
C ARG A 222 -5.37 18.19 -0.76
N LEU A 223 -5.08 17.24 0.15
CA LEU A 223 -3.71 16.93 0.57
C LEU A 223 -2.90 16.31 -0.59
N LEU A 224 -3.59 15.60 -1.50
CA LEU A 224 -3.00 14.96 -2.68
C LEU A 224 -2.53 16.01 -3.71
N HIS A 225 -2.99 17.27 -3.59
CA HIS A 225 -2.57 18.38 -4.48
C HIS A 225 -1.57 19.32 -3.77
N HIS A 226 -1.16 18.98 -2.52
CA HIS A 226 -0.18 19.77 -1.76
C HIS A 226 1.23 19.57 -2.36
N ASN A 227 2.18 20.50 -2.13
CA ASN A 227 3.48 20.39 -2.77
C ASN A 227 4.58 19.75 -1.88
N ASP A 228 4.26 19.37 -0.63
CA ASP A 228 5.29 18.73 0.23
C ASP A 228 5.40 17.23 -0.10
N PRO A 229 6.64 16.73 -0.37
CA PRO A 229 6.80 15.31 -0.74
C PRO A 229 6.32 14.30 0.32
N GLU A 230 6.49 14.60 1.62
CA GLU A 230 6.04 13.68 2.68
C GLU A 230 4.52 13.65 2.77
N VAL A 231 3.86 14.80 2.61
CA VAL A 231 2.38 14.89 2.61
C VAL A 231 1.86 14.13 1.38
N LEU A 232 2.52 14.31 0.21
CA LEU A 232 2.14 13.59 -1.00
C LEU A 232 2.28 12.08 -0.84
N ALA A 233 3.40 11.61 -0.23
CA ALA A 233 3.62 10.17 -0.02
C ALA A 233 2.51 9.55 0.87
N ASP A 234 2.22 10.19 2.02
CA ASP A 234 1.22 9.67 2.96
C ASP A 234 -0.21 9.79 2.43
N SER A 235 -0.52 10.84 1.63
CA SER A 235 -1.83 11.01 0.99
C SER A 235 -2.06 9.87 -0.01
N CYS A 236 -0.98 9.51 -0.77
CA CYS A 236 -1.00 8.41 -1.72
C CYS A 236 -1.16 7.09 -1.01
N TRP A 237 -0.47 6.89 0.13
CA TRP A 237 -0.61 5.66 0.90
C TRP A 237 -2.08 5.52 1.37
N ALA A 238 -2.70 6.62 1.87
CA ALA A 238 -4.10 6.63 2.31
C ALA A 238 -5.03 6.19 1.16
N ILE A 239 -4.83 6.75 -0.04
CA ILE A 239 -5.59 6.44 -1.25
C ILE A 239 -5.34 4.98 -1.64
N SER A 240 -4.10 4.49 -1.52
CA SER A 240 -3.80 3.09 -1.83
C SER A 240 -4.56 2.14 -0.86
N TYR A 241 -4.75 2.54 0.41
CA TYR A 241 -5.51 1.71 1.37
C TYR A 241 -7.01 1.70 1.01
N LEU A 242 -7.56 2.87 0.67
CA LEU A 242 -8.99 3.02 0.35
C LEU A 242 -9.39 2.32 -0.96
N THR A 243 -8.45 2.11 -1.88
CA THR A 243 -8.71 1.46 -3.18
C THR A 243 -8.38 -0.04 -3.16
N ASP A 244 -7.88 -0.56 -2.01
CA ASP A 244 -7.59 -1.97 -1.86
C ASP A 244 -8.78 -2.67 -1.19
N GLY A 245 -9.68 -3.21 -1.99
CA GLY A 245 -10.86 -3.91 -1.51
C GLY A 245 -11.93 -4.08 -2.59
N PRO A 246 -13.22 -4.22 -2.22
CA PRO A 246 -14.28 -4.37 -3.26
C PRO A 246 -14.36 -3.15 -4.19
N ASN A 247 -14.90 -3.35 -5.39
CA ASN A 247 -15.01 -2.32 -6.45
C ASN A 247 -15.82 -1.09 -6.00
N GLU A 248 -16.76 -1.25 -5.03
CA GLU A 248 -17.56 -0.16 -4.46
C GLU A 248 -16.64 0.84 -3.73
N ARG A 249 -15.58 0.32 -3.08
CA ARG A 249 -14.56 1.10 -2.36
C ARG A 249 -13.71 1.89 -3.36
N ILE A 250 -13.31 1.25 -4.48
CA ILE A 250 -12.57 1.89 -5.56
C ILE A 250 -13.42 3.06 -6.12
N GLU A 251 -14.73 2.79 -6.34
CA GLU A 251 -15.67 3.76 -6.91
C GLU A 251 -15.74 5.05 -6.10
N MET A 252 -15.84 4.96 -4.77
CA MET A 252 -15.87 6.12 -3.85
C MET A 252 -14.72 7.06 -4.08
N VAL A 253 -13.54 6.50 -4.36
CA VAL A 253 -12.30 7.23 -4.56
C VAL A 253 -12.25 7.80 -5.99
N VAL A 254 -12.46 6.96 -7.02
CA VAL A 254 -12.40 7.32 -8.44
C VAL A 254 -13.42 8.44 -8.76
N LYS A 255 -14.60 8.43 -8.11
CA LYS A 255 -15.67 9.42 -8.27
C LYS A 255 -15.20 10.82 -7.84
N LYS A 256 -14.18 10.91 -6.96
CA LYS A 256 -13.63 12.18 -6.48
C LYS A 256 -12.64 12.85 -7.48
N GLY A 257 -12.42 12.19 -8.64
CA GLY A 257 -11.59 12.68 -9.73
C GLY A 257 -10.09 12.74 -9.46
N VAL A 258 -9.59 11.87 -8.56
CA VAL A 258 -8.17 11.82 -8.16
C VAL A 258 -7.24 11.12 -9.17
N VAL A 259 -7.78 10.29 -10.08
CA VAL A 259 -6.96 9.48 -11.01
C VAL A 259 -5.93 10.35 -11.79
N PRO A 260 -6.27 11.51 -12.43
CA PRO A 260 -5.22 12.29 -13.11
C PRO A 260 -4.10 12.76 -12.17
N GLN A 261 -4.43 13.15 -10.92
CA GLN A 261 -3.42 13.57 -9.95
C GLN A 261 -2.55 12.37 -9.56
N LEU A 262 -3.14 11.17 -9.41
CA LEU A 262 -2.36 9.97 -9.09
C LEU A 262 -1.36 9.62 -10.21
N VAL A 263 -1.77 9.81 -11.49
CA VAL A 263 -0.93 9.54 -12.67
C VAL A 263 0.23 10.56 -12.72
N LYS A 264 -0.03 11.82 -12.31
CA LYS A 264 1.00 12.88 -12.24
C LYS A 264 2.08 12.47 -11.21
N LEU A 265 1.64 11.97 -10.05
CA LEU A 265 2.52 11.52 -8.97
C LEU A 265 3.23 10.22 -9.33
N LEU A 266 2.63 9.42 -10.24
CA LEU A 266 3.21 8.19 -10.75
C LEU A 266 4.51 8.52 -11.52
N GLY A 267 4.59 9.74 -12.06
CA GLY A 267 5.75 10.27 -12.77
C GLY A 267 6.71 11.09 -11.93
N ALA A 268 6.49 11.18 -10.59
CA ALA A 268 7.37 11.94 -9.68
C ALA A 268 8.80 11.34 -9.63
N THR A 269 9.80 12.14 -9.23
CA THR A 269 11.19 11.66 -9.17
C THR A 269 11.45 10.95 -7.82
N GLU A 270 10.68 11.33 -6.78
CA GLU A 270 10.80 10.77 -5.45
C GLU A 270 10.17 9.37 -5.39
N LEU A 271 11.00 8.36 -5.11
CA LEU A 271 10.60 6.96 -4.90
C LEU A 271 9.53 6.86 -3.77
N PRO A 272 9.62 7.62 -2.63
CA PRO A 272 8.55 7.51 -1.62
C PRO A 272 7.19 7.99 -2.13
N ILE A 273 7.15 8.74 -3.24
CA ILE A 273 5.88 9.18 -3.84
C ILE A 273 5.43 8.15 -4.91
N VAL A 274 6.34 7.71 -5.80
CA VAL A 274 6.03 6.76 -6.88
C VAL A 274 5.47 5.44 -6.31
N THR A 275 6.09 4.90 -5.24
CA THR A 275 5.69 3.62 -4.64
C THR A 275 4.17 3.60 -4.27
N PRO A 276 3.63 4.50 -3.40
CA PRO A 276 2.17 4.45 -3.11
C PRO A 276 1.30 4.90 -4.28
N ALA A 277 1.80 5.82 -5.15
CA ALA A 277 1.00 6.24 -6.32
C ALA A 277 0.82 5.04 -7.27
N LEU A 278 1.85 4.18 -7.43
CA LEU A 278 1.75 2.97 -8.27
C LEU A 278 0.80 1.94 -7.61
N ARG A 279 0.89 1.79 -6.30
CA ARG A 279 0.01 0.89 -5.54
C ARG A 279 -1.46 1.31 -5.75
N ALA A 280 -1.77 2.63 -5.64
CA ALA A 280 -3.14 3.13 -5.81
C ALA A 280 -3.63 2.87 -7.24
N ILE A 281 -2.79 3.16 -8.25
CA ILE A 281 -3.14 2.92 -9.66
C ILE A 281 -3.37 1.42 -9.90
N GLY A 282 -2.48 0.58 -9.36
CA GLY A 282 -2.55 -0.87 -9.46
C GLY A 282 -3.82 -1.40 -8.83
N ASN A 283 -4.22 -0.81 -7.68
CA ASN A 283 -5.45 -1.19 -6.99
C ASN A 283 -6.69 -0.80 -7.79
N ILE A 284 -6.68 0.40 -8.44
CA ILE A 284 -7.84 0.88 -9.22
C ILE A 284 -8.08 -0.03 -10.45
N VAL A 285 -7.01 -0.51 -11.11
CA VAL A 285 -7.14 -1.34 -12.31
C VAL A 285 -7.54 -2.79 -11.96
N THR A 286 -7.71 -3.13 -10.66
CA THR A 286 -8.24 -4.45 -10.25
C THR A 286 -9.78 -4.38 -10.28
N GLY A 287 -10.31 -3.17 -10.49
CA GLY A 287 -11.75 -2.90 -10.52
C GLY A 287 -12.45 -3.23 -11.81
N THR A 288 -13.54 -2.50 -12.09
CA THR A 288 -14.35 -2.68 -13.30
C THR A 288 -13.57 -2.22 -14.53
N ASP A 289 -14.03 -2.58 -15.73
CA ASP A 289 -13.41 -2.15 -16.99
C ASP A 289 -13.44 -0.63 -17.11
N GLU A 290 -14.53 -0.02 -16.61
CA GLU A 290 -14.79 1.42 -16.57
C GLU A 290 -13.81 2.14 -15.65
N GLN A 291 -13.53 1.58 -14.44
CA GLN A 291 -12.56 2.15 -13.49
C GLN A 291 -11.16 2.05 -14.07
N THR A 292 -10.85 0.92 -14.74
CA THR A 292 -9.57 0.69 -15.42
C THR A 292 -9.40 1.73 -16.54
N GLN A 293 -10.50 2.05 -17.27
CA GLN A 293 -10.47 3.02 -18.37
C GLN A 293 -10.06 4.41 -17.91
N LYS A 294 -10.46 4.82 -16.69
CA LYS A 294 -10.11 6.13 -16.12
C LYS A 294 -8.60 6.25 -15.96
N VAL A 295 -7.93 5.15 -15.60
CA VAL A 295 -6.48 5.11 -15.44
C VAL A 295 -5.81 5.31 -16.83
N ILE A 296 -6.32 4.61 -17.88
CA ILE A 296 -5.80 4.70 -19.25
C ILE A 296 -6.06 6.12 -19.81
N ASP A 297 -7.30 6.66 -19.64
CA ASP A 297 -7.68 8.00 -20.13
C ASP A 297 -6.81 9.10 -19.53
N ALA A 298 -6.36 8.93 -18.27
CA ALA A 298 -5.52 9.90 -17.57
C ALA A 298 -4.03 9.84 -18.04
N GLY A 299 -3.72 8.93 -18.95
CA GLY A 299 -2.38 8.80 -19.54
C GLY A 299 -1.36 7.99 -18.77
N ALA A 300 -1.82 7.04 -17.92
CA ALA A 300 -0.94 6.23 -17.09
C ALA A 300 0.03 5.36 -17.88
N LEU A 301 -0.41 4.77 -19.02
CA LEU A 301 0.41 3.86 -19.82
C LEU A 301 1.72 4.49 -20.32
N ALA A 302 1.75 5.83 -20.53
CA ALA A 302 2.94 6.55 -21.01
C ALA A 302 4.10 6.51 -19.97
N VAL A 303 3.81 6.17 -18.70
CA VAL A 303 4.80 6.11 -17.61
C VAL A 303 5.42 4.70 -17.52
N PHE A 304 4.77 3.68 -18.09
CA PHE A 304 5.15 2.28 -17.93
C PHE A 304 6.50 1.90 -18.63
N PRO A 305 7.00 2.54 -19.72
CA PRO A 305 8.36 2.19 -20.18
C PRO A 305 9.41 2.38 -19.06
N SER A 306 9.29 3.48 -18.26
CA SER A 306 10.23 3.72 -17.17
C SER A 306 9.92 2.82 -15.97
N LEU A 307 8.63 2.60 -15.63
CA LEU A 307 8.27 1.75 -14.49
C LEU A 307 8.68 0.30 -14.70
N LEU A 308 8.50 -0.22 -15.93
CA LEU A 308 8.84 -1.61 -16.26
C LEU A 308 10.36 -1.84 -16.36
N THR A 309 11.18 -0.78 -16.34
CA THR A 309 12.65 -0.88 -16.37
C THR A 309 13.24 -0.20 -15.12
N ASN A 310 12.40 0.17 -14.13
CA ASN A 310 12.83 0.87 -12.91
C ASN A 310 13.90 0.07 -12.11
N PRO A 311 15.00 0.72 -11.66
CA PRO A 311 16.04 -0.03 -10.90
C PRO A 311 15.54 -0.65 -9.59
N LYS A 312 14.40 -0.19 -9.03
CA LYS A 312 13.82 -0.75 -7.81
C LYS A 312 12.93 -1.94 -8.18
N THR A 313 13.31 -3.15 -7.75
CA THR A 313 12.61 -4.40 -8.11
C THR A 313 11.13 -4.39 -7.72
N ASN A 314 10.77 -3.79 -6.56
CA ASN A 314 9.38 -3.71 -6.12
C ASN A 314 8.54 -2.81 -7.06
N ILE A 315 9.18 -1.78 -7.67
CA ILE A 315 8.49 -0.92 -8.66
C ILE A 315 8.22 -1.74 -9.91
N GLN A 316 9.24 -2.48 -10.43
CA GLN A 316 9.05 -3.31 -11.63
C GLN A 316 7.98 -4.36 -11.39
N LYS A 317 8.01 -4.99 -10.20
CA LYS A 317 7.07 -6.06 -9.82
C LYS A 317 5.62 -5.54 -9.81
N GLU A 318 5.37 -4.43 -9.08
CA GLU A 318 4.04 -3.86 -8.94
C GLU A 318 3.59 -3.19 -10.24
N ALA A 319 4.54 -2.70 -11.06
CA ALA A 319 4.17 -2.16 -12.38
C ALA A 319 3.74 -3.31 -13.31
N THR A 320 4.38 -4.49 -13.20
CA THR A 320 4.04 -5.64 -14.04
C THR A 320 2.68 -6.22 -13.60
N TRP A 321 2.41 -6.22 -12.28
CA TRP A 321 1.13 -6.65 -11.72
C TRP A 321 0.01 -5.73 -12.27
N THR A 322 0.26 -4.41 -12.29
CA THR A 322 -0.65 -3.41 -12.82
C THR A 322 -0.94 -3.71 -14.31
N MET A 323 0.13 -3.97 -15.09
CA MET A 323 0.03 -4.33 -16.51
C MET A 323 -0.83 -5.58 -16.71
N SER A 324 -0.65 -6.58 -15.84
CA SER A 324 -1.41 -7.85 -15.87
C SER A 324 -2.91 -7.63 -15.72
N ASN A 325 -3.33 -6.67 -14.87
CA ASN A 325 -4.74 -6.36 -14.66
C ASN A 325 -5.31 -5.52 -15.79
N ILE A 326 -4.45 -4.78 -16.51
CA ILE A 326 -4.89 -4.02 -17.68
C ILE A 326 -5.04 -5.03 -18.86
N THR A 327 -4.14 -6.05 -18.97
CA THR A 327 -4.24 -7.03 -20.06
C THR A 327 -5.41 -8.00 -19.79
N ALA A 328 -5.95 -7.98 -18.56
CA ALA A 328 -7.13 -8.74 -18.14
C ALA A 328 -8.41 -7.97 -18.51
N GLY A 329 -8.26 -6.81 -19.14
CA GLY A 329 -9.40 -5.97 -19.51
C GLY A 329 -9.95 -6.25 -20.91
N ARG A 330 -10.68 -5.25 -21.45
CA ARG A 330 -11.32 -5.28 -22.77
C ARG A 330 -10.29 -5.31 -23.88
N GLN A 331 -10.72 -5.75 -25.09
CA GLN A 331 -9.84 -5.80 -26.26
C GLN A 331 -9.34 -4.42 -26.65
N ASP A 332 -10.16 -3.35 -26.47
CA ASP A 332 -9.73 -1.97 -26.76
C ASP A 332 -8.67 -1.51 -25.73
N GLN A 333 -8.68 -2.09 -24.51
CA GLN A 333 -7.69 -1.75 -23.46
C GLN A 333 -6.37 -2.48 -23.77
N ILE A 334 -6.44 -3.75 -24.22
CA ILE A 334 -5.28 -4.51 -24.68
C ILE A 334 -4.66 -3.74 -25.86
N GLN A 335 -5.51 -3.17 -26.75
CA GLN A 335 -5.04 -2.40 -27.91
C GLN A 335 -4.26 -1.14 -27.47
N GLN A 336 -4.66 -0.48 -26.37
CA GLN A 336 -3.98 0.70 -25.82
C GLN A 336 -2.58 0.34 -25.33
N VAL A 337 -2.44 -0.87 -24.73
CA VAL A 337 -1.14 -1.43 -24.26
C VAL A 337 -0.26 -1.60 -25.50
N VAL A 338 -0.83 -2.16 -26.60
CA VAL A 338 -0.13 -2.37 -27.87
C VAL A 338 0.33 -1.01 -28.45
N ASN A 339 -0.60 -0.04 -28.60
CA ASN A 339 -0.34 1.29 -29.17
C ASN A 339 0.74 2.06 -28.42
N HIS A 340 0.80 1.90 -27.09
CA HIS A 340 1.79 2.56 -26.24
C HIS A 340 3.18 1.90 -26.31
N GLY A 341 3.34 0.85 -27.13
CA GLY A 341 4.58 0.11 -27.30
C GLY A 341 5.03 -0.65 -26.06
N LEU A 342 4.06 -1.10 -25.25
CA LEU A 342 4.36 -1.78 -23.98
C LEU A 342 4.55 -3.29 -24.08
N VAL A 343 4.18 -3.92 -25.22
CA VAL A 343 4.37 -5.37 -25.40
C VAL A 343 5.92 -5.66 -25.44
N PRO A 344 6.77 -4.91 -26.17
CA PRO A 344 8.23 -5.17 -26.06
C PRO A 344 8.75 -5.01 -24.62
N PHE A 345 8.13 -4.12 -23.80
CA PHE A 345 8.51 -3.95 -22.38
C PHE A 345 8.10 -5.18 -21.55
N LEU A 346 6.97 -5.84 -21.92
CA LEU A 346 6.54 -7.08 -21.28
C LEU A 346 7.45 -8.26 -21.69
N VAL A 347 7.93 -8.27 -22.95
CA VAL A 347 8.87 -9.28 -23.42
C VAL A 347 10.18 -9.13 -22.61
N GLY A 348 10.57 -7.87 -22.35
CA GLY A 348 11.74 -7.50 -21.54
C GLY A 348 11.74 -8.06 -20.13
N VAL A 349 10.67 -7.80 -19.36
CA VAL A 349 10.52 -8.25 -17.97
C VAL A 349 10.39 -9.80 -17.90
N LEU A 350 9.75 -10.41 -18.92
CA LEU A 350 9.64 -11.87 -18.98
C LEU A 350 11.03 -12.50 -19.26
N SER A 351 11.86 -11.81 -20.07
CA SER A 351 13.20 -12.28 -20.43
C SER A 351 14.20 -12.15 -19.27
N LYS A 352 14.16 -11.02 -18.56
CA LYS A 352 15.10 -10.75 -17.47
C LYS A 352 14.48 -9.79 -16.49
N ALA A 353 14.41 -10.23 -15.24
CA ALA A 353 13.86 -9.52 -14.08
C ALA A 353 13.96 -10.40 -12.87
N ASP A 354 13.73 -9.87 -11.67
CA ASP A 354 13.66 -10.72 -10.49
C ASP A 354 12.49 -11.70 -10.71
N PHE A 355 12.59 -12.94 -10.23
CA PHE A 355 11.58 -13.98 -10.44
C PHE A 355 10.13 -13.53 -10.14
N LYS A 356 9.91 -12.74 -9.07
CA LYS A 356 8.58 -12.25 -8.70
C LYS A 356 7.95 -11.40 -9.82
N THR A 357 8.77 -10.57 -10.50
CA THR A 357 8.35 -9.71 -11.61
C THR A 357 8.04 -10.59 -12.83
N GLN A 358 8.90 -11.61 -13.08
CA GLN A 358 8.75 -12.57 -14.18
C GLN A 358 7.44 -13.34 -14.05
N LYS A 359 7.05 -13.72 -12.81
CA LYS A 359 5.80 -14.41 -12.54
C LYS A 359 4.61 -13.48 -12.87
N GLU A 360 4.73 -12.18 -12.55
CA GLU A 360 3.69 -11.19 -12.86
C GLU A 360 3.62 -10.97 -14.37
N ALA A 361 4.77 -11.05 -15.05
CA ALA A 361 4.86 -10.90 -16.51
C ALA A 361 4.15 -12.08 -17.18
N ALA A 362 4.33 -13.29 -16.63
CA ALA A 362 3.66 -14.51 -17.11
C ALA A 362 2.14 -14.34 -17.00
N TRP A 363 1.65 -13.79 -15.85
CA TRP A 363 0.22 -13.48 -15.66
C TRP A 363 -0.26 -12.46 -16.69
N ALA A 364 0.53 -11.40 -16.96
CA ALA A 364 0.17 -10.36 -17.94
C ALA A 364 -0.03 -10.96 -19.35
N ILE A 365 0.84 -11.91 -19.74
CA ILE A 365 0.79 -12.61 -21.03
C ILE A 365 -0.45 -13.55 -21.10
N THR A 366 -0.70 -14.36 -20.04
CA THR A 366 -1.84 -15.29 -20.03
C THR A 366 -3.16 -14.50 -20.09
N ASN A 367 -3.23 -13.35 -19.40
CA ASN A 367 -4.42 -12.48 -19.42
C ASN A 367 -4.64 -11.89 -20.81
N TYR A 368 -3.57 -11.40 -21.45
CA TYR A 368 -3.55 -10.83 -22.80
C TYR A 368 -4.03 -11.88 -23.81
N THR A 369 -3.50 -13.12 -23.74
CA THR A 369 -3.86 -14.20 -24.67
C THR A 369 -5.28 -14.71 -24.43
N SER A 370 -5.82 -14.53 -23.21
CA SER A 370 -7.19 -14.96 -22.90
C SER A 370 -8.24 -14.02 -23.51
N GLY A 371 -8.03 -12.71 -23.38
CA GLY A 371 -8.99 -11.72 -23.86
C GLY A 371 -8.69 -11.08 -25.20
N GLY A 372 -7.49 -11.27 -25.71
CA GLY A 372 -7.07 -10.65 -26.96
C GLY A 372 -7.64 -11.25 -28.23
N THR A 373 -7.63 -10.44 -29.31
CA THR A 373 -8.03 -10.86 -30.66
C THR A 373 -6.89 -11.69 -31.22
N VAL A 374 -7.13 -12.41 -32.33
CA VAL A 374 -6.09 -13.19 -33.02
C VAL A 374 -4.93 -12.26 -33.44
N GLU A 375 -5.26 -11.08 -34.00
CA GLU A 375 -4.30 -10.05 -34.45
C GLU A 375 -3.42 -9.59 -33.29
N GLN A 376 -4.00 -9.39 -32.09
CA GLN A 376 -3.26 -8.98 -30.90
C GLN A 376 -2.33 -10.10 -30.42
N ILE A 377 -2.81 -11.37 -30.44
CA ILE A 377 -2.02 -12.53 -30.02
C ILE A 377 -0.86 -12.79 -31.02
N VAL A 378 -1.12 -12.62 -32.34
CA VAL A 378 -0.12 -12.76 -33.42
C VAL A 378 1.01 -11.74 -33.21
N TYR A 379 0.62 -10.49 -32.86
CA TYR A 379 1.54 -9.38 -32.60
C TYR A 379 2.48 -9.71 -31.42
N LEU A 380 1.95 -10.38 -30.39
CA LEU A 380 2.70 -10.81 -29.21
C LEU A 380 3.84 -11.79 -29.59
N VAL A 381 3.56 -12.73 -30.52
CA VAL A 381 4.55 -13.70 -31.00
C VAL A 381 5.62 -12.98 -31.84
N HIS A 382 5.20 -12.03 -32.69
CA HIS A 382 6.11 -11.24 -33.54
C HIS A 382 7.04 -10.36 -32.68
N CYS A 383 6.63 -10.01 -31.44
CA CYS A 383 7.45 -9.23 -30.51
C CYS A 383 8.47 -10.12 -29.77
N GLY A 384 8.40 -11.43 -29.98
CA GLY A 384 9.32 -12.41 -29.41
C GLY A 384 8.96 -12.98 -28.05
N ILE A 385 7.66 -13.14 -27.75
CA ILE A 385 7.23 -13.68 -26.45
C ILE A 385 7.58 -15.18 -26.22
N ILE A 386 7.61 -16.00 -27.29
CA ILE A 386 7.74 -17.45 -27.19
C ILE A 386 9.03 -17.90 -26.45
N GLU A 387 10.22 -17.47 -26.90
CA GLU A 387 11.47 -17.90 -26.26
C GLU A 387 11.49 -17.57 -24.75
N PRO A 388 11.27 -16.32 -24.25
CA PRO A 388 11.31 -16.10 -22.79
C PRO A 388 10.21 -16.83 -22.02
N LEU A 389 9.05 -17.08 -22.66
CA LEU A 389 7.91 -17.80 -22.06
C LEU A 389 8.31 -19.27 -21.85
N MET A 390 9.03 -19.85 -22.83
CA MET A 390 9.52 -21.24 -22.77
C MET A 390 10.65 -21.40 -21.75
N ASN A 391 11.60 -20.43 -21.70
CA ASN A 391 12.72 -20.47 -20.76
C ASN A 391 12.25 -20.50 -19.29
N LEU A 392 11.08 -19.91 -19.01
CA LEU A 392 10.48 -19.88 -17.67
C LEU A 392 9.78 -21.19 -17.28
N LEU A 393 9.72 -22.18 -18.20
CA LEU A 393 9.12 -23.48 -17.88
C LEU A 393 10.09 -24.35 -17.04
N SER A 394 11.33 -23.86 -16.84
CA SER A 394 12.38 -24.50 -16.04
C SER A 394 12.28 -24.10 -14.56
N ALA A 395 11.41 -23.12 -14.24
CA ALA A 395 11.23 -22.59 -12.89
C ALA A 395 10.60 -23.61 -11.95
N LYS A 396 11.08 -23.64 -10.69
CA LYS A 396 10.58 -24.54 -9.65
C LYS A 396 9.48 -23.81 -8.86
N ASP A 397 8.37 -23.55 -9.55
CA ASP A 397 7.16 -22.89 -9.07
C ASP A 397 6.01 -23.40 -9.91
N THR A 398 5.16 -24.27 -9.33
CA THR A 398 4.04 -24.92 -10.01
C THR A 398 3.02 -23.91 -10.58
N LYS A 399 2.80 -22.79 -9.88
CA LYS A 399 1.86 -21.73 -10.27
C LYS A 399 2.27 -21.06 -11.60
N ILE A 400 3.56 -20.68 -11.76
CA ILE A 400 4.03 -20.05 -13.00
C ILE A 400 3.91 -21.05 -14.19
N ILE A 401 4.19 -22.36 -13.96
CA ILE A 401 4.12 -23.40 -15.00
C ILE A 401 2.67 -23.48 -15.55
N GLN A 402 1.67 -23.52 -14.65
CA GLN A 402 0.24 -23.56 -15.00
C GLN A 402 -0.16 -22.35 -15.85
N VAL A 403 0.27 -21.15 -15.44
CA VAL A 403 0.02 -19.86 -16.07
C VAL A 403 0.62 -19.84 -17.50
N ILE A 404 1.88 -20.30 -17.66
CA ILE A 404 2.60 -20.34 -18.95
C ILE A 404 1.94 -21.35 -19.90
N LEU A 405 1.62 -22.57 -19.40
CA LEU A 405 0.98 -23.62 -20.21
C LEU A 405 -0.39 -23.14 -20.73
N ASP A 406 -1.14 -22.36 -19.92
CA ASP A 406 -2.41 -21.76 -20.31
C ASP A 406 -2.21 -20.75 -21.45
N ALA A 407 -1.13 -19.92 -21.36
CA ALA A 407 -0.76 -18.94 -22.39
C ALA A 407 -0.41 -19.65 -23.72
N ILE A 408 0.39 -20.74 -23.67
CA ILE A 408 0.78 -21.56 -24.85
C ILE A 408 -0.48 -22.06 -25.56
N SER A 409 -1.43 -22.61 -24.77
CA SER A 409 -2.72 -23.14 -25.25
C SER A 409 -3.53 -22.03 -25.97
N ASN A 410 -3.58 -20.82 -25.39
CA ASN A 410 -4.27 -19.67 -25.98
C ASN A 410 -3.62 -19.21 -27.30
N ILE A 411 -2.27 -19.23 -27.36
CA ILE A 411 -1.51 -18.82 -28.56
C ILE A 411 -1.76 -19.86 -29.67
N PHE A 412 -1.78 -21.17 -29.32
CA PHE A 412 -2.06 -22.25 -30.27
C PHE A 412 -3.48 -22.16 -30.82
N GLN A 413 -4.46 -21.75 -29.97
CA GLN A 413 -5.85 -21.56 -30.36
C GLN A 413 -5.97 -20.44 -31.41
N ALA A 414 -5.18 -19.36 -31.26
CA ALA A 414 -5.12 -18.25 -32.22
C ALA A 414 -4.50 -18.72 -33.54
N ALA A 415 -3.42 -19.53 -33.44
CA ALA A 415 -2.70 -20.11 -34.58
C ALA A 415 -3.59 -21.11 -35.33
N GLU A 416 -4.49 -21.83 -34.59
CA GLU A 416 -5.46 -22.79 -35.13
C GLU A 416 -6.45 -22.09 -36.07
N LYS A 417 -6.88 -20.86 -35.68
CA LYS A 417 -7.81 -20.02 -36.44
C LYS A 417 -7.18 -19.52 -37.75
N LEU A 418 -5.84 -19.49 -37.81
CA LEU A 418 -5.09 -19.07 -38.99
C LEU A 418 -4.46 -20.26 -39.72
N GLY A 419 -4.53 -21.47 -39.13
CA GLY A 419 -3.94 -22.69 -39.66
C GLY A 419 -2.42 -22.64 -39.67
N GLU A 420 -1.84 -21.94 -38.66
CA GLU A 420 -0.41 -21.70 -38.52
C GLU A 420 0.18 -22.41 -37.27
N THR A 421 -0.45 -23.51 -36.83
CA THR A 421 -0.01 -24.29 -35.66
C THR A 421 1.38 -24.90 -35.87
N GLU A 422 1.69 -25.35 -37.11
CA GLU A 422 2.97 -25.95 -37.48
C GLU A 422 4.11 -24.94 -37.35
N LYS A 423 3.86 -23.67 -37.76
CA LYS A 423 4.82 -22.56 -37.68
C LYS A 423 5.16 -22.26 -36.21
N LEU A 424 4.15 -22.37 -35.31
CA LEU A 424 4.32 -22.15 -33.87
C LEU A 424 5.03 -23.35 -33.23
N SER A 425 4.68 -24.58 -33.64
CA SER A 425 5.28 -25.83 -33.14
C SER A 425 6.79 -25.87 -33.39
N ILE A 426 7.24 -25.46 -34.60
CA ILE A 426 8.65 -25.42 -35.00
C ILE A 426 9.38 -24.33 -34.17
N MET A 427 8.70 -23.20 -33.90
CA MET A 427 9.26 -22.09 -33.10
C MET A 427 9.54 -22.54 -31.65
N ILE A 428 8.59 -23.30 -31.07
CA ILE A 428 8.69 -23.84 -29.71
C ILE A 428 9.79 -24.92 -29.68
N GLU A 429 9.88 -25.77 -30.73
CA GLU A 429 10.89 -26.82 -30.85
C GLU A 429 12.32 -26.22 -30.89
N GLU A 430 12.55 -25.22 -31.75
CA GLU A 430 13.84 -24.54 -31.99
C GLU A 430 14.45 -23.87 -30.75
N CYS A 431 13.63 -23.23 -29.89
CA CYS A 431 14.17 -22.56 -28.68
C CYS A 431 14.28 -23.52 -27.48
N GLY A 432 14.02 -24.82 -27.70
CA GLY A 432 14.10 -25.86 -26.69
C GLY A 432 12.89 -25.97 -25.78
N GLY A 433 11.76 -25.40 -26.23
CA GLY A 433 10.50 -25.40 -25.50
C GLY A 433 9.83 -26.77 -25.44
N LEU A 434 9.97 -27.56 -26.52
CA LEU A 434 9.43 -28.92 -26.65
C LEU A 434 9.99 -29.84 -25.56
N ASP A 435 11.32 -29.78 -25.31
CA ASP A 435 11.99 -30.60 -24.30
C ASP A 435 11.45 -30.30 -22.89
N LYS A 436 11.09 -29.03 -22.63
CA LYS A 436 10.55 -28.60 -21.34
C LYS A 436 9.10 -29.09 -21.15
N ILE A 437 8.23 -28.97 -22.18
CA ILE A 437 6.83 -29.43 -22.13
C ILE A 437 6.78 -30.97 -21.97
N GLU A 438 7.65 -31.70 -22.70
CA GLU A 438 7.74 -33.17 -22.65
C GLU A 438 8.14 -33.65 -21.23
N ALA A 439 9.10 -32.96 -20.59
CA ALA A 439 9.58 -33.26 -19.24
C ALA A 439 8.49 -33.01 -18.18
N LEU A 440 7.59 -32.02 -18.44
CA LEU A 440 6.49 -31.66 -17.55
C LEU A 440 5.33 -32.68 -17.56
N GLN A 441 5.41 -33.72 -18.42
CA GLN A 441 4.40 -34.78 -18.49
C GLN A 441 4.51 -35.72 -17.28
N ARG A 442 5.67 -35.69 -16.59
CA ARG A 442 5.97 -36.52 -15.41
C ARG A 442 6.08 -35.64 -14.13
N HIS A 443 5.45 -34.45 -14.16
CA HIS A 443 5.43 -33.50 -13.04
C HIS A 443 4.49 -34.00 -11.93
N GLU A 444 4.79 -33.60 -10.67
CA GLU A 444 4.03 -33.99 -9.47
C GLU A 444 2.59 -33.43 -9.47
N ASN A 445 2.41 -32.18 -9.96
CA ASN A 445 1.10 -31.52 -10.03
C ASN A 445 0.22 -32.11 -11.14
N GLU A 446 -1.06 -32.37 -10.82
CA GLU A 446 -2.09 -32.94 -11.68
C GLU A 446 -2.40 -32.05 -12.90
N SER A 447 -2.69 -30.75 -12.67
CA SER A 447 -3.04 -29.77 -13.72
C SER A 447 -1.92 -29.57 -14.74
N VAL A 448 -0.64 -29.56 -14.29
CA VAL A 448 0.55 -29.40 -15.13
C VAL A 448 0.68 -30.63 -16.05
N TYR A 449 0.61 -31.83 -15.45
CA TYR A 449 0.69 -33.15 -16.08
C TYR A 449 -0.34 -33.28 -17.22
N LYS A 450 -1.60 -32.89 -16.95
CA LYS A 450 -2.71 -32.94 -17.90
C LYS A 450 -2.56 -31.93 -19.05
N ALA A 451 -2.16 -30.67 -18.75
CA ALA A 451 -2.00 -29.60 -19.75
C ALA A 451 -0.81 -29.86 -20.69
N SER A 452 0.30 -30.42 -20.17
CA SER A 452 1.51 -30.73 -20.93
C SER A 452 1.29 -31.92 -21.87
N LEU A 453 0.58 -32.97 -21.40
CA LEU A 453 0.24 -34.16 -22.20
C LEU A 453 -0.70 -33.75 -23.36
N ASN A 454 -1.60 -32.80 -23.09
CA ASN A 454 -2.58 -32.25 -24.03
C ASN A 454 -1.89 -31.52 -25.19
N LEU A 455 -0.86 -30.69 -24.91
CA LEU A 455 -0.12 -29.95 -25.94
C LEU A 455 0.71 -30.88 -26.83
N ILE A 456 1.40 -31.88 -26.21
CA ILE A 456 2.24 -32.86 -26.91
C ILE A 456 1.36 -33.64 -27.91
N GLU A 457 0.22 -34.18 -27.45
CA GLU A 457 -0.70 -34.97 -28.28
C GLU A 457 -1.38 -34.13 -29.37
N LYS A 458 -1.73 -32.87 -29.08
CA LYS A 458 -2.44 -32.01 -30.04
C LYS A 458 -1.53 -31.34 -31.08
N TYR A 459 -0.30 -30.92 -30.71
CA TYR A 459 0.56 -30.17 -31.65
C TYR A 459 2.00 -30.69 -31.84
N PHE A 460 2.42 -31.75 -31.13
CA PHE A 460 3.79 -32.24 -31.26
C PHE A 460 3.89 -33.76 -31.50
N SER A 461 2.86 -34.35 -32.15
CA SER A 461 2.82 -35.78 -32.45
C SER A 461 2.45 -36.04 -33.92
N ARG B 4 1.34 1.67 10.68
CA ARG B 4 2.64 2.15 11.09
C ARG B 4 2.49 2.93 12.39
N LYS B 5 3.53 2.90 13.20
CA LYS B 5 3.60 3.71 14.40
C LYS B 5 4.90 4.49 14.33
N ARG B 6 4.97 5.62 15.02
CA ARG B 6 6.17 6.45 15.01
C ARG B 6 6.44 7.01 16.40
N LYS B 7 7.68 6.84 16.87
CA LYS B 7 8.08 7.45 18.13
C LYS B 7 8.51 8.88 17.90
N PHE B 8 8.37 9.72 18.92
CA PHE B 8 8.87 11.08 18.89
C PHE B 8 10.20 11.10 19.65
N SER B 9 11.29 11.14 18.90
CA SER B 9 12.63 11.06 19.49
C SER B 9 13.13 12.42 19.95
N HIS C 3 -8.99 -12.24 -19.00
CA HIS C 3 -8.79 -13.50 -18.27
C HIS C 3 -9.31 -13.43 -16.83
N ARG C 4 -8.96 -12.37 -16.10
CA ARG C 4 -9.46 -12.16 -14.74
C ARG C 4 -8.54 -11.31 -13.82
N LYS C 5 -9.14 -10.31 -13.19
CA LYS C 5 -8.41 -9.40 -12.31
C LYS C 5 -7.92 -10.05 -11.03
N ARG C 6 -6.74 -9.63 -10.59
CA ARG C 6 -6.17 -10.11 -9.35
C ARG C 6 -5.88 -8.96 -8.39
N LYS C 7 -6.55 -8.97 -7.23
CA LYS C 7 -6.37 -7.96 -6.21
C LYS C 7 -5.00 -8.08 -5.56
N PHE C 8 -4.54 -7.02 -4.89
CA PHE C 8 -3.21 -7.00 -4.29
C PHE C 8 -2.91 -8.26 -3.46
N SER C 9 -3.83 -8.68 -2.57
CA SER C 9 -3.62 -9.84 -1.69
C SER C 9 -3.68 -11.19 -2.42
N ASP C 10 -4.30 -11.23 -3.62
CA ASP C 10 -4.40 -12.45 -4.42
C ASP C 10 -3.20 -12.61 -5.37
N ALA C 11 -2.41 -11.54 -5.55
CA ALA C 11 -1.21 -11.57 -6.39
C ALA C 11 0.05 -11.76 -5.53
N PHE C 12 0.03 -11.20 -4.32
CA PHE C 12 1.14 -11.24 -3.38
C PHE C 12 0.63 -11.57 -1.98
#